data_5KMO
#
_entry.id   5KMO
#
_cell.length_a   51.810
_cell.length_b   51.810
_cell.length_c   229.550
_cell.angle_alpha   90.000
_cell.angle_beta   90.000
_cell.angle_gamma   120.000
#
_symmetry.space_group_name_H-M   'P 31 1 2'
#
loop_
_entity.id
_entity.type
_entity.pdbx_description
1 polymer 'High affinity nerve growth factor receptor'
2 non-polymer 1-(2-methyl-4-phenyl-pyrimidin-5-yl)-3-pyridin-2-yl-urea
3 water water
#
_entity_poly.entity_id   1
_entity_poly.type   'polypeptide(L)'
_entity_poly.pdbx_seq_one_letter_code
;SSLSPTEGKGSGLQGHIIENPQYFSDACVHHIKRRDIVLKWELGEGAFGKVFLAECHNLLPEQDKMLVAVKALKEASESA
RQDFQREAELLTMLQHQHIVRFFGVCTEGRPLLMVFEYMRHGDLNRFLRSHGPDAKLLAGGEDVAPGPLGLGQLLAVASQ
VAAGMVYLAGLHFVHRDLATRNCLVGQGLVVKIGDFGMSRDIYSTDYYRVGGRTMLPIRWMPPESILYRKFTTESDVWSF
GVVLWEIFTYGKQPWYQLSNTEAIDCITQGRELERPRACPPEVYAIMRGCWQREPQQRHSIKDVHARLQALAQAPPVYLD
VLGHHHHHH
;
_entity_poly.pdbx_strand_id   A
#
loop_
_chem_comp.id
_chem_comp.type
_chem_comp.name
_chem_comp.formula
6UM non-polymer 1-(2-methyl-4-phenyl-pyrimidin-5-yl)-3-pyridin-2-yl-urea 'C17 H15 N5 O'
#
# COMPACT_ATOMS: atom_id res chain seq x y z
N ALA A 27 -21.59 -16.59 -1.00
CA ALA A 27 -20.66 -16.26 0.07
C ALA A 27 -19.68 -17.41 0.41
N CYS A 28 -18.63 -17.53 -0.43
CA CYS A 28 -17.56 -18.53 -0.28
C CYS A 28 -16.50 -18.04 0.72
N VAL A 29 -16.94 -17.15 1.65
CA VAL A 29 -16.20 -16.52 2.72
C VAL A 29 -15.85 -17.57 3.79
N HIS A 30 -14.54 -17.73 4.08
CA HIS A 30 -14.08 -18.68 5.09
C HIS A 30 -14.41 -18.14 6.50
N HIS A 31 -14.82 -19.05 7.39
CA HIS A 31 -15.20 -18.66 8.75
C HIS A 31 -14.24 -19.19 9.76
N ILE A 32 -14.12 -18.45 10.86
CA ILE A 32 -13.27 -18.82 11.99
C ILE A 32 -14.15 -18.82 13.26
N LYS A 33 -13.93 -19.80 14.15
CA LYS A 33 -14.68 -19.86 15.42
C LYS A 33 -13.93 -18.95 16.42
N ARG A 34 -14.65 -18.16 17.27
CA ARG A 34 -14.03 -17.25 18.27
C ARG A 34 -13.08 -17.92 19.30
N ARG A 35 -13.22 -19.25 19.55
CA ARG A 35 -12.37 -20.00 20.48
C ARG A 35 -10.97 -20.25 19.86
N ASP A 36 -10.91 -20.26 18.52
CA ASP A 36 -9.70 -20.44 17.72
C ASP A 36 -8.82 -19.15 17.66
N ILE A 37 -9.36 -17.96 18.05
CA ILE A 37 -8.68 -16.65 18.04
C ILE A 37 -8.37 -16.16 19.46
N VAL A 38 -7.08 -15.87 19.75
CA VAL A 38 -6.64 -15.36 21.05
C VAL A 38 -5.87 -14.02 20.93
N LEU A 39 -6.56 -12.90 21.19
CA LEU A 39 -6.01 -11.54 21.17
C LEU A 39 -4.87 -11.41 22.15
N LYS A 40 -3.77 -10.79 21.71
CA LYS A 40 -2.55 -10.57 22.48
C LYS A 40 -2.50 -9.11 22.92
N TRP A 41 -2.60 -8.16 21.95
CA TRP A 41 -2.59 -6.71 22.17
C TRP A 41 -2.90 -6.02 20.88
N GLU A 42 -3.18 -4.71 20.97
CA GLU A 42 -3.50 -3.83 19.85
C GLU A 42 -2.26 -3.49 19.01
N LEU A 43 -2.46 -3.26 17.68
CA LEU A 43 -1.41 -2.87 16.73
C LEU A 43 -1.79 -1.49 16.13
N GLY A 44 -3.03 -1.38 15.66
CA GLY A 44 -3.55 -0.16 15.06
C GLY A 44 -5.01 0.13 15.40
N GLU A 45 -5.51 1.31 14.97
CA GLU A 45 -6.90 1.71 15.24
C GLU A 45 -7.41 2.61 14.13
N GLY A 46 -8.74 2.69 14.02
CA GLY A 46 -9.44 3.50 13.04
C GLY A 46 -10.85 3.88 13.46
N ALA A 47 -11.75 4.05 12.46
CA ALA A 47 -13.16 4.41 12.66
C ALA A 47 -14.01 3.15 12.59
N PHE A 48 -14.05 2.51 11.40
CA PHE A 48 -14.78 1.27 11.13
C PHE A 48 -14.04 0.03 11.69
N GLY A 49 -13.03 0.27 12.54
CA GLY A 49 -12.24 -0.79 13.15
C GLY A 49 -11.29 -0.40 14.27
N LYS A 50 -10.34 -1.34 14.57
CA LYS A 50 -9.25 -1.37 15.56
C LYS A 50 -8.60 -2.74 15.37
N VAL A 51 -7.28 -2.76 15.08
CA VAL A 51 -6.52 -4.00 14.79
C VAL A 51 -5.75 -4.55 16.01
N PHE A 52 -5.85 -5.88 16.18
CA PHE A 52 -5.21 -6.64 17.25
C PHE A 52 -4.27 -7.67 16.70
N LEU A 53 -3.20 -7.96 17.43
CA LEU A 53 -2.29 -9.04 17.11
C LEU A 53 -2.92 -10.18 17.96
N ALA A 54 -3.10 -11.35 17.34
CA ALA A 54 -3.71 -12.49 17.97
C ALA A 54 -3.03 -13.80 17.55
N GLU A 55 -3.35 -14.88 18.26
CA GLU A 55 -2.90 -16.25 18.05
C GLU A 55 -4.10 -16.94 17.45
N CYS A 56 -3.94 -17.58 16.28
CA CYS A 56 -5.03 -18.30 15.63
C CYS A 56 -4.67 -19.75 15.54
N HIS A 57 -5.57 -20.63 16.02
CA HIS A 57 -5.36 -22.09 16.03
C HIS A 57 -6.06 -22.79 14.89
N ASN A 58 -5.40 -23.81 14.35
CA ASN A 58 -5.86 -24.70 13.26
C ASN A 58 -6.22 -23.95 11.93
N LEU A 59 -5.67 -22.74 11.73
CA LEU A 59 -5.88 -21.92 10.54
C LEU A 59 -5.12 -22.49 9.33
N LEU A 60 -3.83 -22.81 9.53
CA LEU A 60 -2.99 -23.39 8.50
C LEU A 60 -2.42 -24.72 8.97
N PRO A 61 -2.61 -25.80 8.16
CA PRO A 61 -2.09 -27.13 8.55
C PRO A 61 -0.55 -27.14 8.71
N GLU A 62 -0.05 -27.94 9.69
CA GLU A 62 1.38 -28.12 10.08
C GLU A 62 1.90 -26.92 10.91
N GLN A 63 1.18 -25.77 10.85
CA GLN A 63 1.50 -24.55 11.57
C GLN A 63 0.99 -24.61 13.02
N ASP A 64 -0.16 -25.32 13.27
CA ASP A 64 -0.82 -25.53 14.57
C ASP A 64 -1.42 -24.22 15.11
N LYS A 65 -0.55 -23.27 15.43
CA LYS A 65 -0.89 -21.94 15.92
C LYS A 65 0.04 -20.92 15.25
N MET A 66 -0.57 -19.87 14.67
CA MET A 66 0.14 -18.80 13.98
C MET A 66 -0.37 -17.43 14.40
N LEU A 67 0.44 -16.39 14.16
CA LEU A 67 0.12 -15.00 14.44
C LEU A 67 -0.68 -14.44 13.29
N VAL A 68 -1.67 -13.63 13.62
CA VAL A 68 -2.58 -13.00 12.68
C VAL A 68 -2.88 -11.57 13.15
N ALA A 69 -3.54 -10.77 12.32
CA ALA A 69 -3.94 -9.41 12.63
C ALA A 69 -5.47 -9.44 12.49
N VAL A 70 -6.15 -9.23 13.61
CA VAL A 70 -7.60 -9.28 13.75
C VAL A 70 -8.21 -7.90 13.81
N LYS A 71 -9.16 -7.65 12.92
CA LYS A 71 -9.84 -6.37 12.87
C LYS A 71 -11.26 -6.55 13.41
N ALA A 72 -11.54 -5.87 14.53
CA ALA A 72 -12.83 -5.86 15.21
C ALA A 72 -13.62 -4.71 14.58
N LEU A 73 -14.82 -4.96 14.09
CA LEU A 73 -15.54 -3.88 13.42
C LEU A 73 -16.53 -3.13 14.30
N LYS A 74 -16.54 -1.78 14.08
CA LYS A 74 -17.31 -0.73 14.74
C LYS A 74 -18.80 -1.03 14.97
N GLU A 75 -19.56 -1.32 13.87
CA GLU A 75 -21.01 -1.64 13.86
C GLU A 75 -21.90 -0.56 14.48
N SER A 79 -26.21 -0.22 10.94
CA SER A 79 -26.30 -1.44 10.14
C SER A 79 -25.35 -1.43 8.93
N ALA A 80 -24.12 -1.90 9.16
CA ALA A 80 -23.07 -2.00 8.16
C ALA A 80 -22.55 -3.44 8.05
N ARG A 81 -23.34 -4.41 8.57
CA ARG A 81 -23.05 -5.85 8.56
C ARG A 81 -23.10 -6.38 7.12
N GLN A 82 -24.01 -5.79 6.32
CA GLN A 82 -24.25 -6.07 4.91
C GLN A 82 -23.08 -5.49 4.09
N ASP A 83 -22.54 -4.34 4.56
CA ASP A 83 -21.40 -3.64 3.96
C ASP A 83 -20.13 -4.45 4.25
N PHE A 84 -20.05 -5.02 5.46
CA PHE A 84 -18.98 -5.86 5.95
C PHE A 84 -18.94 -7.18 5.15
N GLN A 85 -20.12 -7.73 4.84
CA GLN A 85 -20.27 -9.01 4.12
C GLN A 85 -19.79 -8.93 2.68
N ARG A 86 -20.17 -7.86 1.95
CA ARG A 86 -19.76 -7.63 0.56
C ARG A 86 -18.24 -7.37 0.53
N GLU A 87 -17.71 -6.68 1.56
CA GLU A 87 -16.28 -6.39 1.68
C GLU A 87 -15.51 -7.70 1.88
N ALA A 88 -16.04 -8.61 2.72
CA ALA A 88 -15.48 -9.94 3.01
C ALA A 88 -15.42 -10.78 1.73
N GLU A 89 -16.51 -10.71 0.91
CA GLU A 89 -16.65 -11.42 -0.37
C GLU A 89 -15.64 -10.91 -1.39
N LEU A 90 -15.35 -9.61 -1.35
CA LEU A 90 -14.40 -8.95 -2.24
C LEU A 90 -12.96 -9.32 -1.85
N LEU A 91 -12.65 -9.34 -0.53
CA LEU A 91 -11.33 -9.71 -0.03
C LEU A 91 -11.03 -11.20 -0.25
N THR A 92 -12.06 -12.09 -0.29
CA THR A 92 -11.93 -13.53 -0.55
C THR A 92 -11.46 -13.72 -2.03
N MET A 93 -12.08 -12.94 -2.95
CA MET A 93 -11.83 -12.90 -4.40
C MET A 93 -10.38 -12.55 -4.74
N LEU A 94 -9.85 -11.47 -4.09
CA LEU A 94 -8.50 -10.97 -4.30
C LEU A 94 -7.53 -11.67 -3.39
N GLN A 95 -6.87 -12.69 -3.90
CA GLN A 95 -5.86 -13.48 -3.20
C GLN A 95 -4.72 -13.65 -4.19
N HIS A 96 -3.55 -13.12 -3.84
CA HIS A 96 -2.33 -13.13 -4.66
C HIS A 96 -1.10 -12.96 -3.75
N GLN A 97 0.08 -13.21 -4.31
CA GLN A 97 1.38 -13.11 -3.66
C GLN A 97 1.72 -11.67 -3.19
N HIS A 98 1.19 -10.62 -3.85
CA HIS A 98 1.54 -9.28 -3.38
C HIS A 98 0.31 -8.51 -2.89
N ILE A 99 -0.71 -9.27 -2.48
CA ILE A 99 -1.93 -8.75 -1.87
C ILE A 99 -1.96 -9.28 -0.43
N VAL A 100 -2.21 -8.39 0.55
CA VAL A 100 -2.32 -8.76 1.97
C VAL A 100 -3.31 -9.92 2.07
N ARG A 101 -2.83 -11.07 2.56
CA ARG A 101 -3.65 -12.26 2.74
C ARG A 101 -4.78 -12.04 3.77
N PHE A 102 -5.98 -12.51 3.40
CA PHE A 102 -7.24 -12.48 4.15
C PHE A 102 -7.59 -13.96 4.47
N PHE A 103 -7.82 -14.28 5.76
CA PHE A 103 -8.11 -15.65 6.17
C PHE A 103 -9.57 -16.00 6.29
N GLY A 104 -10.35 -15.06 6.78
CA GLY A 104 -11.78 -15.22 7.00
C GLY A 104 -12.35 -14.32 8.07
N VAL A 105 -13.65 -14.46 8.31
CA VAL A 105 -14.39 -13.67 9.29
C VAL A 105 -14.85 -14.52 10.48
N CYS A 106 -15.15 -13.85 11.59
CA CYS A 106 -15.70 -14.48 12.77
C CYS A 106 -16.97 -13.74 13.06
N THR A 107 -18.08 -14.38 12.66
CA THR A 107 -19.44 -13.90 12.77
C THR A 107 -20.14 -14.42 14.02
N GLU A 108 -19.57 -15.46 14.67
CA GLU A 108 -20.14 -16.04 15.89
C GLU A 108 -19.87 -15.17 17.12
N GLY A 109 -20.88 -14.37 17.44
CA GLY A 109 -20.81 -13.42 18.54
C GLY A 109 -20.42 -12.05 18.03
N ARG A 110 -20.15 -11.11 18.95
CA ARG A 110 -19.73 -9.76 18.59
C ARG A 110 -18.45 -9.32 19.34
N PRO A 111 -17.67 -8.36 18.80
CA PRO A 111 -17.89 -7.61 17.54
C PRO A 111 -17.60 -8.50 16.36
N LEU A 112 -18.00 -8.09 15.14
CA LEU A 112 -17.68 -8.91 13.97
C LEU A 112 -16.16 -8.77 13.72
N LEU A 113 -15.49 -9.88 13.38
CA LEU A 113 -14.05 -9.84 13.18
C LEU A 113 -13.61 -10.27 11.81
N MET A 114 -12.57 -9.61 11.29
CA MET A 114 -11.96 -9.93 10.00
C MET A 114 -10.54 -10.33 10.31
N VAL A 115 -10.11 -11.49 9.83
CA VAL A 115 -8.77 -12.01 10.14
C VAL A 115 -7.86 -11.94 8.94
N PHE A 116 -6.67 -11.39 9.15
CA PHE A 116 -5.66 -11.19 8.10
C PHE A 116 -4.27 -11.62 8.57
N GLU A 117 -3.30 -11.68 7.62
CA GLU A 117 -1.93 -12.05 7.98
C GLU A 117 -1.22 -10.94 8.73
N TYR A 118 -0.39 -11.33 9.69
CA TYR A 118 0.39 -10.35 10.47
C TYR A 118 1.68 -10.04 9.69
N MET A 119 2.09 -8.79 9.63
CA MET A 119 3.26 -8.33 8.90
C MET A 119 4.20 -7.63 9.87
N ARG A 120 5.25 -8.34 10.31
CA ARG A 120 6.27 -7.92 11.28
C ARG A 120 6.71 -6.46 11.21
N HIS A 121 6.93 -5.87 10.00
CA HIS A 121 7.45 -4.50 9.88
C HIS A 121 6.43 -3.38 9.77
N GLY A 122 5.14 -3.70 9.85
CA GLY A 122 4.09 -2.69 9.78
C GLY A 122 3.90 -2.13 8.39
N ASP A 123 3.40 -0.91 8.29
CA ASP A 123 3.10 -0.38 6.98
C ASP A 123 4.36 0.14 6.28
N LEU A 124 4.35 0.15 4.94
CA LEU A 124 5.45 0.58 4.10
C LEU A 124 5.89 2.02 4.35
N ASN A 125 4.97 2.92 4.74
CA ASN A 125 5.38 4.30 5.01
C ASN A 125 6.33 4.41 6.23
N ARG A 126 5.94 3.85 7.38
CA ARG A 126 6.74 3.89 8.59
C ARG A 126 8.05 3.14 8.40
N PHE A 127 8.01 2.05 7.61
CA PHE A 127 9.18 1.25 7.30
C PHE A 127 10.20 2.06 6.51
N LEU A 128 9.72 2.80 5.51
CA LEU A 128 10.55 3.66 4.71
C LEU A 128 11.18 4.75 5.61
N ARG A 129 10.36 5.44 6.43
CA ARG A 129 10.84 6.51 7.30
C ARG A 129 11.85 6.07 8.35
N SER A 130 11.71 4.85 8.87
CA SER A 130 12.60 4.27 9.89
C SER A 130 13.88 3.63 9.29
N HIS A 131 13.97 3.58 7.95
CA HIS A 131 15.12 3.04 7.23
C HIS A 131 15.57 4.08 6.20
N GLY A 132 15.44 5.34 6.60
CA GLY A 132 15.79 6.49 5.79
C GLY A 132 16.93 7.32 6.35
N PRO A 133 17.41 8.34 5.61
CA PRO A 133 18.52 9.17 6.12
C PRO A 133 18.14 10.05 7.33
N ASP A 134 16.81 10.23 7.56
CA ASP A 134 16.23 11.01 8.66
C ASP A 134 15.96 10.14 9.91
N ALA A 135 16.42 8.88 9.89
CA ALA A 135 16.28 7.95 11.01
C ALA A 135 17.50 8.09 11.92
N LYS A 136 17.32 7.89 13.24
CA LYS A 136 18.36 8.00 14.25
C LYS A 136 19.20 6.73 14.46
N LEU A 137 18.64 5.51 14.19
CA LEU A 137 19.36 4.24 14.38
C LEU A 137 19.30 3.32 13.18
N GLY A 140 16.76 -4.27 13.91
CA GLY A 140 18.10 -3.68 13.91
C GLY A 140 19.07 -4.27 12.89
N GLY A 141 18.53 -5.02 11.93
CA GLY A 141 19.34 -5.64 10.90
C GLY A 141 19.07 -7.07 10.52
N GLU A 142 17.90 -7.66 10.84
CA GLU A 142 17.69 -9.06 10.41
C GLU A 142 17.40 -9.17 8.91
N ASP A 143 16.49 -8.31 8.42
CA ASP A 143 16.06 -8.23 7.03
C ASP A 143 16.76 -7.09 6.27
N VAL A 144 17.26 -6.06 6.99
CA VAL A 144 17.89 -4.86 6.43
C VAL A 144 19.31 -4.58 6.98
N ALA A 145 20.21 -4.13 6.09
CA ALA A 145 21.59 -3.74 6.38
C ALA A 145 21.64 -2.40 7.14
N PRO A 146 22.78 -2.01 7.79
CA PRO A 146 22.81 -0.72 8.49
C PRO A 146 22.64 0.47 7.54
N GLY A 147 22.03 1.53 8.05
CA GLY A 147 21.80 2.76 7.31
C GLY A 147 20.59 2.77 6.38
N PRO A 148 20.45 3.83 5.56
CA PRO A 148 19.30 3.91 4.67
C PRO A 148 19.25 2.77 3.67
N LEU A 149 18.03 2.34 3.29
CA LEU A 149 17.84 1.27 2.33
C LEU A 149 18.60 1.58 1.04
N GLY A 150 19.21 0.56 0.47
CA GLY A 150 19.95 0.71 -0.78
C GLY A 150 19.01 0.72 -1.97
N LEU A 151 19.56 1.13 -3.13
CA LEU A 151 18.88 1.23 -4.43
C LEU A 151 18.19 -0.07 -4.82
N GLY A 152 18.88 -1.18 -4.61
CA GLY A 152 18.41 -2.52 -4.94
C GLY A 152 17.24 -2.93 -4.07
N GLN A 153 17.26 -2.49 -2.80
CA GLN A 153 16.20 -2.73 -1.81
C GLN A 153 14.98 -1.89 -2.19
N LEU A 154 15.18 -0.56 -2.39
CA LEU A 154 14.12 0.37 -2.81
C LEU A 154 13.39 -0.14 -4.06
N LEU A 155 14.12 -0.69 -5.07
CA LEU A 155 13.59 -1.24 -6.34
C LEU A 155 12.85 -2.57 -6.16
N ALA A 156 13.32 -3.40 -5.22
CA ALA A 156 12.70 -4.68 -4.88
C ALA A 156 11.32 -4.35 -4.26
N VAL A 157 11.28 -3.32 -3.40
CA VAL A 157 10.07 -2.81 -2.74
C VAL A 157 9.05 -2.29 -3.81
N ALA A 158 9.52 -1.49 -4.79
CA ALA A 158 8.70 -0.92 -5.87
C ALA A 158 8.14 -1.97 -6.83
N SER A 159 8.95 -2.99 -7.20
CA SER A 159 8.54 -4.08 -8.09
C SER A 159 7.44 -4.94 -7.43
N GLN A 160 7.54 -5.15 -6.12
CA GLN A 160 6.56 -5.90 -5.35
C GLN A 160 5.19 -5.21 -5.39
N VAL A 161 5.13 -3.91 -5.10
CA VAL A 161 3.88 -3.13 -5.16
C VAL A 161 3.31 -3.18 -6.60
N ALA A 162 4.19 -3.06 -7.65
CA ALA A 162 3.76 -3.11 -9.06
C ALA A 162 3.12 -4.46 -9.39
N ALA A 163 3.75 -5.57 -8.95
CA ALA A 163 3.22 -6.93 -9.16
C ALA A 163 1.79 -7.08 -8.60
N GLY A 164 1.51 -6.46 -7.45
CA GLY A 164 0.19 -6.45 -6.80
C GLY A 164 -0.83 -5.66 -7.62
N MET A 165 -0.37 -4.53 -8.22
CA MET A 165 -1.18 -3.67 -9.07
C MET A 165 -1.48 -4.33 -10.42
N VAL A 166 -0.57 -5.18 -10.91
CA VAL A 166 -0.75 -5.95 -12.17
C VAL A 166 -1.91 -6.93 -11.94
N TYR A 167 -1.91 -7.62 -10.79
CA TYR A 167 -2.98 -8.56 -10.44
C TYR A 167 -4.34 -7.85 -10.36
N LEU A 168 -4.44 -6.71 -9.65
CA LEU A 168 -5.67 -5.96 -9.48
C LEU A 168 -6.22 -5.41 -10.80
N ALA A 169 -5.33 -4.83 -11.65
CA ALA A 169 -5.68 -4.30 -12.98
C ALA A 169 -6.15 -5.46 -13.85
N GLY A 170 -5.50 -6.60 -13.69
CA GLY A 170 -5.83 -7.85 -14.37
C GLY A 170 -7.24 -8.26 -14.05
N LEU A 171 -7.65 -8.16 -12.76
CA LEU A 171 -9.00 -8.48 -12.31
C LEU A 171 -9.98 -7.33 -12.55
N HIS A 172 -9.50 -6.22 -13.14
CA HIS A 172 -10.26 -5.00 -13.45
C HIS A 172 -10.75 -4.30 -12.17
N PHE A 173 -9.92 -4.38 -11.12
CA PHE A 173 -10.14 -3.78 -9.82
C PHE A 173 -9.31 -2.48 -9.72
N VAL A 174 -10.01 -1.40 -9.34
CA VAL A 174 -9.50 -0.04 -9.16
C VAL A 174 -9.38 0.16 -7.66
N HIS A 175 -8.15 0.37 -7.18
CA HIS A 175 -7.86 0.54 -5.77
C HIS A 175 -8.46 1.81 -5.16
N ARG A 176 -8.10 3.00 -5.69
CA ARG A 176 -8.61 4.32 -5.24
C ARG A 176 -7.83 4.90 -4.08
N ASP A 177 -7.09 4.08 -3.33
CA ASP A 177 -6.28 4.60 -2.22
C ASP A 177 -4.88 3.97 -2.18
N LEU A 178 -4.24 3.86 -3.35
CA LEU A 178 -2.90 3.32 -3.45
C LEU A 178 -1.90 4.39 -2.94
N ALA A 179 -1.17 4.06 -1.84
CA ALA A 179 -0.17 4.86 -1.13
C ALA A 179 0.68 3.89 -0.28
N THR A 180 1.91 4.27 0.09
CA THR A 180 2.78 3.40 0.91
C THR A 180 2.15 3.09 2.29
N ARG A 181 1.25 3.97 2.80
CA ARG A 181 0.60 3.76 4.10
C ARG A 181 -0.42 2.63 4.02
N ASN A 182 -0.74 2.16 2.79
CA ASN A 182 -1.68 1.08 2.51
C ASN A 182 -0.98 -0.20 2.02
N CYS A 183 0.30 -0.30 2.30
CA CYS A 183 1.08 -1.48 1.96
C CYS A 183 1.69 -1.93 3.22
N LEU A 184 1.93 -3.23 3.35
CA LEU A 184 2.57 -3.81 4.53
C LEU A 184 3.90 -4.49 4.18
N VAL A 185 4.80 -4.56 5.16
CA VAL A 185 6.10 -5.21 4.98
C VAL A 185 6.23 -6.33 6.00
N GLY A 186 6.53 -7.53 5.52
CA GLY A 186 6.74 -8.73 6.33
C GLY A 186 8.18 -9.22 6.38
N GLN A 187 8.39 -10.37 7.04
CA GLN A 187 9.68 -11.03 7.21
C GLN A 187 10.25 -11.35 5.83
N GLY A 188 11.46 -10.88 5.58
CA GLY A 188 12.19 -11.07 4.32
C GLY A 188 11.94 -9.95 3.33
N LEU A 189 11.46 -8.80 3.84
CA LEU A 189 11.13 -7.60 3.07
C LEU A 189 10.15 -7.88 1.94
N VAL A 190 9.12 -8.66 2.28
CA VAL A 190 7.99 -9.02 1.42
C VAL A 190 7.03 -7.84 1.63
N VAL A 191 6.65 -7.21 0.54
CA VAL A 191 5.77 -6.06 0.51
C VAL A 191 4.46 -6.52 -0.09
N LYS A 192 3.34 -6.18 0.55
CA LYS A 192 1.99 -6.57 0.13
C LYS A 192 1.01 -5.40 0.19
N ILE A 193 0.04 -5.35 -0.73
CA ILE A 193 -0.97 -4.29 -0.77
C ILE A 193 -2.22 -4.65 0.03
N GLY A 194 -2.72 -3.67 0.75
CA GLY A 194 -3.95 -3.71 1.54
C GLY A 194 -4.69 -2.40 1.33
N ASP A 195 -5.70 -2.09 2.19
CA ASP A 195 -6.48 -0.83 2.19
C ASP A 195 -7.10 -0.66 3.59
N PHE A 196 -6.46 0.17 4.45
CA PHE A 196 -6.89 0.35 5.85
C PHE A 196 -7.49 1.76 6.22
N GLY A 197 -7.68 1.95 7.53
CA GLY A 197 -8.24 3.14 8.18
C GLY A 197 -8.83 2.82 9.54
N ARG A 200 -4.85 3.62 8.97
CA ARG A 200 -4.66 5.08 8.88
C ARG A 200 -4.93 5.79 10.23
N ASP A 201 -5.23 7.13 10.18
CA ASP A 201 -5.59 8.09 11.24
C ASP A 201 -4.38 8.84 11.85
N ILE A 202 -3.15 8.39 11.56
CA ILE A 202 -1.92 9.10 11.95
C ILE A 202 -1.41 9.65 10.59
N TYR A 203 -2.25 9.38 9.57
CA TYR A 203 -2.11 9.73 8.18
C TYR A 203 -3.29 10.61 7.73
N SER A 204 -3.87 11.38 8.66
CA SER A 204 -5.00 12.27 8.41
C SER A 204 -4.62 13.44 7.46
N THR A 205 -3.33 13.85 7.45
CA THR A 205 -2.85 14.91 6.59
C THR A 205 -2.61 14.43 5.15
N ASP A 206 -2.82 13.11 4.92
CA ASP A 206 -2.70 12.49 3.61
C ASP A 206 -4.03 12.56 2.87
N TYR A 207 -5.08 13.03 3.60
CA TYR A 207 -6.46 13.21 3.12
C TYR A 207 -6.96 14.64 3.21
N TYR A 208 -7.88 14.97 2.29
CA TYR A 208 -8.56 16.25 2.19
C TYR A 208 -10.02 16.01 2.55
N ARG A 209 -10.49 16.60 3.67
CA ARG A 209 -11.87 16.46 4.14
C ARG A 209 -12.79 17.39 3.36
N VAL A 210 -13.82 16.79 2.73
CA VAL A 210 -14.82 17.48 1.90
C VAL A 210 -16.15 17.71 2.70
N GLY A 211 -17.11 16.78 2.59
CA GLY A 211 -18.42 16.86 3.23
C GLY A 211 -18.46 16.39 4.67
N GLY A 212 -17.58 16.96 5.50
CA GLY A 212 -17.45 16.67 6.93
C GLY A 212 -17.23 15.23 7.34
N ARG A 213 -17.23 14.30 6.35
CA ARG A 213 -17.06 12.86 6.49
C ARG A 213 -16.17 12.27 5.36
N THR A 214 -16.53 12.52 4.07
CA THR A 214 -15.85 12.03 2.85
C THR A 214 -14.41 12.60 2.67
N MET A 215 -13.42 11.69 2.54
CA MET A 215 -12.01 12.07 2.41
C MET A 215 -11.34 11.60 1.14
N LEU A 216 -10.41 12.44 0.63
CA LEU A 216 -9.68 12.22 -0.63
C LEU A 216 -8.16 12.25 -0.50
N PRO A 217 -7.44 11.24 -1.06
CA PRO A 217 -5.97 11.27 -1.00
C PRO A 217 -5.51 12.08 -2.21
N ILE A 218 -5.81 13.41 -2.19
CA ILE A 218 -5.58 14.35 -3.29
C ILE A 218 -4.15 14.30 -3.87
N ARG A 219 -3.12 14.32 -3.01
CA ARG A 219 -1.70 14.29 -3.38
C ARG A 219 -1.33 13.06 -4.22
N TRP A 220 -2.14 11.97 -4.07
CA TRP A 220 -1.97 10.73 -4.80
C TRP A 220 -2.88 10.62 -6.04
N MET A 221 -3.79 11.60 -6.25
CA MET A 221 -4.73 11.57 -7.37
C MET A 221 -4.34 12.28 -8.69
N PRO A 222 -4.72 11.66 -9.82
CA PRO A 222 -4.47 12.29 -11.13
C PRO A 222 -5.45 13.44 -11.43
N PRO A 223 -5.15 14.35 -12.39
CA PRO A 223 -6.07 15.47 -12.66
C PRO A 223 -7.51 15.12 -13.00
N GLU A 224 -7.75 14.01 -13.72
CA GLU A 224 -9.08 13.49 -14.12
C GLU A 224 -9.92 13.06 -12.94
N SER A 225 -9.27 12.77 -11.80
CA SER A 225 -9.95 12.33 -10.60
C SER A 225 -10.34 13.54 -9.78
N ILE A 226 -9.45 14.55 -9.73
CA ILE A 226 -9.70 15.79 -8.98
C ILE A 226 -10.74 16.67 -9.70
N LEU A 227 -10.57 16.82 -11.02
CA LEU A 227 -11.42 17.63 -11.89
C LEU A 227 -12.70 16.96 -12.28
N TYR A 228 -12.66 15.73 -12.83
CA TYR A 228 -13.85 15.06 -13.32
C TYR A 228 -14.46 14.00 -12.42
N ARG A 229 -13.76 13.60 -11.33
CA ARG A 229 -14.22 12.57 -10.36
C ARG A 229 -14.30 11.17 -11.03
N LYS A 230 -13.34 10.94 -11.95
CA LYS A 230 -13.17 9.71 -12.71
C LYS A 230 -12.00 8.90 -12.13
N PHE A 231 -12.25 7.64 -11.74
CA PHE A 231 -11.27 6.72 -11.17
C PHE A 231 -11.29 5.38 -11.95
N THR A 232 -10.17 5.07 -12.61
CA THR A 232 -9.98 3.86 -13.41
C THR A 232 -8.61 3.22 -13.17
N THR A 233 -8.31 2.14 -13.92
CA THR A 233 -7.05 1.42 -13.88
C THR A 233 -5.94 2.43 -14.21
N GLU A 234 -6.17 3.29 -15.22
CA GLU A 234 -5.28 4.32 -15.74
C GLU A 234 -4.93 5.32 -14.66
N SER A 235 -5.87 5.63 -13.75
CA SER A 235 -5.66 6.56 -12.65
C SER A 235 -4.82 5.91 -11.54
N ASP A 236 -4.91 4.55 -11.41
CA ASP A 236 -4.14 3.81 -10.43
C ASP A 236 -2.64 3.87 -10.77
N VAL A 237 -2.30 3.95 -12.09
CA VAL A 237 -0.88 3.97 -12.47
C VAL A 237 -0.28 5.34 -12.11
N TRP A 238 -1.10 6.40 -12.12
CA TRP A 238 -0.65 7.73 -11.71
C TRP A 238 -0.26 7.62 -10.21
N SER A 239 -1.13 6.97 -9.39
CA SER A 239 -1.02 6.74 -7.96
C SER A 239 0.17 5.87 -7.65
N PHE A 240 0.42 4.84 -8.50
CA PHE A 240 1.59 3.99 -8.34
C PHE A 240 2.85 4.83 -8.60
N GLY A 241 2.80 5.69 -9.61
CA GLY A 241 3.89 6.62 -9.92
C GLY A 241 4.23 7.46 -8.71
N VAL A 242 3.20 7.94 -7.97
CA VAL A 242 3.35 8.75 -6.73
C VAL A 242 3.96 7.83 -5.66
N VAL A 243 3.56 6.53 -5.62
CA VAL A 243 4.11 5.54 -4.67
C VAL A 243 5.61 5.40 -4.94
N LEU A 244 6.00 5.28 -6.24
CA LEU A 244 7.40 5.19 -6.70
C LEU A 244 8.25 6.37 -6.12
N TRP A 245 7.70 7.60 -6.18
CA TRP A 245 8.30 8.81 -5.63
C TRP A 245 8.40 8.71 -4.09
N GLU A 246 7.39 8.10 -3.41
CA GLU A 246 7.41 7.95 -1.94
C GLU A 246 8.52 7.01 -1.53
N ILE A 247 8.64 5.88 -2.24
CA ILE A 247 9.68 4.87 -1.98
C ILE A 247 11.02 5.57 -1.98
N PHE A 248 11.32 6.28 -3.09
CA PHE A 248 12.58 6.97 -3.31
C PHE A 248 12.77 8.24 -2.48
N THR A 249 11.73 8.74 -1.81
CA THR A 249 11.91 9.90 -0.92
C THR A 249 11.92 9.37 0.50
N TYR A 250 11.92 8.02 0.68
CA TYR A 250 11.90 7.33 1.98
C TYR A 250 10.67 7.74 2.78
N GLY A 251 9.51 7.54 2.14
CA GLY A 251 8.18 7.78 2.69
C GLY A 251 7.70 9.20 2.94
N LYS A 252 8.40 10.23 2.41
CA LYS A 252 8.00 11.64 2.57
C LYS A 252 6.67 11.89 1.87
N GLN A 253 5.86 12.86 2.38
CA GLN A 253 4.57 13.17 1.76
C GLN A 253 4.76 13.84 0.42
N PRO A 254 3.99 13.45 -0.63
CA PRO A 254 4.11 14.15 -1.92
C PRO A 254 3.55 15.56 -1.77
N TRP A 255 4.25 16.57 -2.32
CA TRP A 255 3.87 17.99 -2.27
C TRP A 255 3.84 18.51 -0.85
N TYR A 256 4.66 17.91 0.03
CA TYR A 256 4.70 18.24 1.45
C TYR A 256 4.79 19.75 1.73
N GLN A 257 5.52 20.48 0.86
CA GLN A 257 5.75 21.93 0.96
C GLN A 257 4.50 22.79 0.68
N LEU A 258 3.40 22.16 0.20
CA LEU A 258 2.13 22.80 -0.17
C LEU A 258 0.94 22.41 0.71
N SER A 259 -0.08 23.27 0.75
CA SER A 259 -1.31 22.98 1.49
C SER A 259 -2.19 22.13 0.52
N ASN A 260 -3.36 21.67 0.97
CA ASN A 260 -4.24 20.85 0.12
C ASN A 260 -4.74 21.57 -1.15
N THR A 261 -5.10 22.87 -1.06
CA THR A 261 -5.57 23.65 -2.21
C THR A 261 -4.38 23.96 -3.13
N GLU A 262 -3.24 24.36 -2.53
CA GLU A 262 -2.02 24.61 -3.29
C GLU A 262 -1.62 23.33 -4.02
N ALA A 263 -1.88 22.15 -3.42
CA ALA A 263 -1.58 20.85 -4.04
C ALA A 263 -2.52 20.56 -5.21
N ILE A 264 -3.82 20.85 -5.05
CA ILE A 264 -4.85 20.65 -6.08
C ILE A 264 -4.55 21.54 -7.28
N ASP A 265 -4.12 22.79 -7.01
CA ASP A 265 -3.75 23.72 -8.08
C ASP A 265 -2.68 23.15 -8.98
N CYS A 266 -1.50 22.81 -8.44
CA CYS A 266 -0.44 22.33 -9.31
C CYS A 266 -0.65 20.92 -9.84
N ILE A 267 -1.52 20.09 -9.22
CA ILE A 267 -1.78 18.77 -9.79
C ILE A 267 -2.64 19.02 -11.04
N THR A 268 -3.67 19.90 -10.92
CA THR A 268 -4.57 20.22 -12.03
C THR A 268 -3.94 21.12 -13.06
N GLN A 269 -2.85 21.84 -12.74
CA GLN A 269 -2.13 22.76 -13.65
C GLN A 269 -0.96 22.09 -14.38
N GLY A 270 -0.80 20.78 -14.24
CA GLY A 270 0.24 19.99 -14.89
C GLY A 270 1.62 19.95 -14.24
N ARG A 271 1.74 20.45 -12.99
CA ARG A 271 3.03 20.46 -12.30
C ARG A 271 3.39 19.08 -11.73
N GLU A 272 4.60 18.59 -12.06
CA GLU A 272 5.11 17.28 -11.65
C GLU A 272 6.03 17.34 -10.46
N LEU A 273 6.08 16.21 -9.68
CA LEU A 273 6.93 16.06 -8.48
C LEU A 273 8.37 15.98 -8.95
N GLU A 274 9.30 16.63 -8.21
CA GLU A 274 10.73 16.63 -8.56
C GLU A 274 11.38 15.25 -8.40
N ARG A 275 12.53 15.05 -9.07
CA ARG A 275 13.26 13.79 -8.99
C ARG A 275 13.87 13.64 -7.58
N PRO A 276 13.52 12.58 -6.82
CA PRO A 276 14.10 12.42 -5.47
C PRO A 276 15.62 12.22 -5.55
N ARG A 277 16.36 12.82 -4.59
CA ARG A 277 17.82 12.74 -4.50
C ARG A 277 18.33 11.31 -4.76
N ALA A 278 17.73 10.32 -4.05
CA ALA A 278 18.05 8.88 -4.14
C ALA A 278 17.59 8.17 -5.41
N CYS A 279 16.81 8.87 -6.27
CA CYS A 279 16.27 8.29 -7.49
C CYS A 279 17.15 8.44 -8.75
N PRO A 280 17.63 7.34 -9.40
CA PRO A 280 18.39 7.47 -10.65
C PRO A 280 17.48 7.95 -11.81
N PRO A 281 18.02 8.59 -12.87
CA PRO A 281 17.17 9.06 -13.97
C PRO A 281 16.30 8.02 -14.68
N GLU A 282 16.76 6.77 -14.72
CA GLU A 282 16.07 5.65 -15.36
C GLU A 282 14.72 5.32 -14.69
N VAL A 283 14.70 5.48 -13.35
CA VAL A 283 13.56 5.23 -12.48
C VAL A 283 12.60 6.44 -12.54
N TYR A 284 13.18 7.65 -12.64
CA TYR A 284 12.42 8.89 -12.76
C TYR A 284 11.67 8.92 -14.09
N ALA A 285 12.21 8.19 -15.09
CA ALA A 285 11.64 8.04 -16.42
C ALA A 285 10.39 7.15 -16.30
N ILE A 286 10.37 6.24 -15.30
CA ILE A 286 9.24 5.34 -15.03
C ILE A 286 8.11 6.17 -14.40
N MET A 287 8.45 7.03 -13.40
CA MET A 287 7.49 7.91 -12.68
C MET A 287 6.86 8.87 -13.68
N ARG A 288 7.69 9.64 -14.43
CA ARG A 288 7.23 10.58 -15.45
C ARG A 288 6.21 9.97 -16.39
N GLY A 289 6.41 8.69 -16.76
CA GLY A 289 5.52 7.93 -17.65
C GLY A 289 4.20 7.50 -17.04
N CYS A 290 4.08 7.60 -15.70
CA CYS A 290 2.89 7.29 -14.89
C CYS A 290 2.07 8.58 -14.80
N TRP A 291 2.75 9.71 -15.04
CA TRP A 291 2.24 11.06 -14.93
C TRP A 291 1.90 11.79 -16.24
N GLN A 292 1.70 11.04 -17.34
CA GLN A 292 1.30 11.60 -18.63
C GLN A 292 -0.17 12.05 -18.42
N ARG A 293 -0.47 13.38 -18.46
CA ARG A 293 -1.82 13.95 -18.23
C ARG A 293 -2.97 13.16 -18.87
N GLU A 294 -2.85 12.86 -20.18
CA GLU A 294 -3.86 12.11 -20.92
C GLU A 294 -3.83 10.68 -20.39
N PRO A 295 -4.90 10.22 -19.68
CA PRO A 295 -4.88 8.86 -19.12
C PRO A 295 -4.46 7.71 -20.06
N GLN A 296 -4.99 7.68 -21.29
CA GLN A 296 -4.73 6.69 -22.35
C GLN A 296 -3.24 6.67 -22.81
N GLN A 297 -2.55 7.83 -22.70
CA GLN A 297 -1.14 8.01 -23.07
C GLN A 297 -0.14 7.48 -22.02
N ARG A 298 -0.65 6.91 -20.90
CA ARG A 298 0.18 6.33 -19.83
C ARG A 298 0.53 4.90 -20.14
N HIS A 299 1.68 4.44 -19.60
CA HIS A 299 2.16 3.07 -19.74
C HIS A 299 1.30 2.13 -18.89
N SER A 300 1.12 0.90 -19.36
CA SER A 300 0.36 -0.09 -18.62
C SER A 300 1.11 -0.45 -17.30
N ILE A 301 0.39 -1.07 -16.34
CA ILE A 301 1.03 -1.46 -15.09
C ILE A 301 1.92 -2.71 -15.34
N LYS A 302 1.57 -3.53 -16.36
CA LYS A 302 2.30 -4.73 -16.79
C LYS A 302 3.68 -4.29 -17.29
N ASP A 303 3.73 -3.08 -17.88
CA ASP A 303 4.94 -2.45 -18.41
C ASP A 303 5.81 -1.97 -17.28
N VAL A 304 5.29 -1.03 -16.45
CA VAL A 304 5.97 -0.44 -15.29
C VAL A 304 6.60 -1.55 -14.41
N HIS A 305 5.86 -2.66 -14.19
CA HIS A 305 6.34 -3.79 -13.42
C HIS A 305 7.52 -4.46 -14.11
N ALA A 306 7.46 -4.69 -15.44
CA ALA A 306 8.55 -5.32 -16.19
C ALA A 306 9.80 -4.46 -16.11
N ARG A 307 9.63 -3.13 -16.19
CA ARG A 307 10.75 -2.19 -16.10
C ARG A 307 11.35 -2.15 -14.68
N LEU A 308 10.50 -2.29 -13.64
CA LEU A 308 10.99 -2.32 -12.26
C LEU A 308 11.61 -3.66 -11.88
N GLN A 309 11.00 -4.80 -12.33
CA GLN A 309 11.50 -6.16 -12.07
C GLN A 309 12.92 -6.33 -12.65
N ALA A 310 13.12 -5.83 -13.89
CA ALA A 310 14.40 -5.85 -14.58
C ALA A 310 15.46 -5.15 -13.74
N LEU A 311 15.14 -3.95 -13.19
CA LEU A 311 16.06 -3.18 -12.35
C LEU A 311 16.33 -3.82 -10.97
N ALA A 312 15.31 -4.51 -10.38
CA ALA A 312 15.44 -5.18 -9.08
C ALA A 312 16.34 -6.41 -9.28
N GLN A 313 16.06 -7.20 -10.35
CA GLN A 313 16.81 -8.42 -10.68
C GLN A 313 18.15 -8.16 -11.41
N ALA A 314 18.53 -6.87 -11.58
CA ALA A 314 19.74 -6.45 -12.25
C ALA A 314 20.99 -6.72 -11.42
N PRO A 315 22.11 -7.17 -12.05
CA PRO A 315 23.35 -7.43 -11.28
C PRO A 315 23.94 -6.17 -10.66
N PRO A 316 24.72 -6.28 -9.54
CA PRO A 316 25.33 -5.07 -8.92
C PRO A 316 26.14 -4.19 -9.85
N VAL A 317 26.85 -4.77 -10.86
CA VAL A 317 27.69 -4.03 -11.82
C VAL A 317 26.82 -3.01 -12.59
N TYR A 318 25.68 -3.47 -13.15
CA TYR A 318 24.74 -2.63 -13.89
C TYR A 318 24.09 -1.57 -12.98
N LEU A 319 23.74 -1.94 -11.74
CA LEU A 319 23.13 -1.03 -10.76
C LEU A 319 24.09 0.04 -10.25
N ASP A 320 25.39 -0.30 -10.08
CA ASP A 320 26.44 0.62 -9.61
C ASP A 320 26.64 1.75 -10.60
N VAL A 321 26.34 1.46 -11.88
CA VAL A 321 26.40 2.40 -13.00
C VAL A 321 25.16 3.30 -12.94
N LEU A 322 24.01 2.74 -12.49
CA LEU A 322 22.76 3.49 -12.33
C LEU A 322 22.86 4.53 -11.19
N GLY A 323 23.65 4.22 -10.14
CA GLY A 323 23.88 5.09 -8.99
C GLY A 323 25.03 6.06 -9.21
N HIS A 324 24.76 7.39 -9.13
CA HIS A 324 25.75 8.47 -9.31
C HIS A 324 25.77 9.41 -8.08
C2 6UM B . 1.41 -4.86 11.77
C3 6UM B . 1.80 -2.93 12.93
N4 6UM B . -3.18 -4.75 9.35
C5 6UM B . -0.66 -6.26 9.98
C7 6UM B . -4.34 -4.17 9.00
C9 6UM B . -4.99 -6.00 7.65
C10 6UM B . -3.81 -6.65 7.99
C11 6UM B . -1.28 -2.24 11.14
C12 6UM B . -1.35 -1.71 9.85
C13 6UM B . -2.47 -1.04 9.42
C15 6UM B . -3.50 -1.40 11.55
O 6UM B . 0.26 -7.01 10.24
N3 6UM B . -1.74 -6.63 9.21
C6 6UM B . -2.93 -5.98 8.86
C8 6UM B . -5.27 -4.76 8.15
N2 6UM B . -0.72 -4.97 10.45
C1 6UM B . 0.24 -4.30 11.25
C 6UM B . -0.08 -2.98 11.60
N1 6UM B . 0.73 -2.30 12.43
C4 6UM B . 2.57 -2.21 13.99
N 6UM B . 2.20 -4.17 12.61
C16 6UM B . -2.38 -2.08 11.99
C14 6UM B . -3.55 -0.86 10.28
#